data_2FQM
#
_entry.id   2FQM
#
_cell.length_a   74.380
_cell.length_b   74.380
_cell.length_c   157.300
_cell.angle_alpha   90.00
_cell.angle_beta   90.00
_cell.angle_gamma   90.00
#
_symmetry.space_group_name_H-M   'P 41 21 2'
#
loop_
_entity.id
_entity.type
_entity.pdbx_description
1 polymer Phosphoprotein
2 water water
#
_entity_poly.entity_id   1
_entity_poly.type   'polypeptide(L)'
_entity_poly.pdbx_seq_one_letter_code
;GSHMDWKQPELESDEHGKTLRLTLPEGLSGEQKSQWMLTIKAVVQSAKHWNLAECTFEASGEGVIIKKRQITPDV
;
_entity_poly.pdbx_strand_id   A,B,C,D,E,F
#
# COMPACT_ATOMS: atom_id res chain seq x y z
N ASP A 5 7.09 -36.85 15.23
CA ASP A 5 6.65 -35.50 15.75
C ASP A 5 6.11 -34.48 14.74
N TRP A 6 6.84 -34.24 13.66
CA TRP A 6 6.42 -33.31 12.61
C TRP A 6 5.74 -34.13 11.50
N LYS A 7 4.48 -33.86 11.12
CA LYS A 7 3.85 -34.65 10.03
C LYS A 7 4.33 -34.25 8.61
N GLN A 8 4.72 -35.22 7.80
CA GLN A 8 5.17 -34.89 6.47
C GLN A 8 3.94 -34.59 5.60
N PRO A 9 4.12 -33.96 4.43
CA PRO A 9 2.93 -33.70 3.60
C PRO A 9 2.19 -34.99 3.40
N GLU A 10 0.87 -34.99 3.53
CA GLU A 10 0.14 -36.23 3.31
C GLU A 10 -1.17 -36.02 2.58
N LEU A 11 -1.64 -37.01 1.82
CA LEU A 11 -2.93 -36.88 1.15
C LEU A 11 -4.01 -37.54 2.03
N GLU A 12 -5.25 -37.13 1.81
CA GLU A 12 -6.43 -37.66 2.48
C GLU A 12 -7.52 -37.68 1.44
N SER A 13 -8.32 -38.74 1.43
CA SER A 13 -9.39 -38.81 0.45
C SER A 13 -10.61 -39.46 1.03
N ASP A 14 -11.69 -39.46 0.25
CA ASP A 14 -12.95 -40.05 0.67
C ASP A 14 -13.93 -39.80 -0.47
N GLU A 15 -15.21 -40.06 -0.26
CA GLU A 15 -16.18 -39.79 -1.32
C GLU A 15 -16.11 -38.31 -1.69
N HIS A 16 -16.34 -38.02 -2.97
CA HIS A 16 -16.32 -36.65 -3.48
C HIS A 16 -15.19 -35.76 -2.97
N GLY A 17 -13.97 -36.29 -2.85
CA GLY A 17 -12.90 -35.42 -2.37
C GLY A 17 -11.52 -35.98 -2.12
N LYS A 18 -10.52 -35.17 -2.46
CA LYS A 18 -9.13 -35.54 -2.26
C LYS A 18 -8.40 -34.30 -1.75
N THR A 19 -7.71 -34.44 -0.62
CA THR A 19 -7.00 -33.34 -0.01
C THR A 19 -5.47 -33.54 0.25
N LEU A 20 -4.70 -32.47 0.17
CA LEU A 20 -3.29 -32.53 0.45
C LEU A 20 -3.05 -31.67 1.68
N ARG A 21 -2.67 -32.30 2.79
CA ARG A 21 -2.40 -31.56 4.02
C ARG A 21 -0.94 -31.27 4.21
N LEU A 22 -0.61 -30.02 4.51
CA LEU A 22 0.78 -29.62 4.72
C LEU A 22 0.95 -29.06 6.14
N THR A 23 1.91 -29.59 6.87
CA THR A 23 2.15 -29.13 8.22
C THR A 23 3.29 -28.12 8.32
N LEU A 24 3.09 -27.11 9.13
CA LEU A 24 4.12 -26.10 9.24
C LEU A 24 5.42 -26.61 9.84
N PRO A 25 6.55 -26.10 9.36
CA PRO A 25 7.86 -26.49 9.90
C PRO A 25 7.76 -26.12 11.40
N GLU A 26 8.32 -26.91 12.30
CA GLU A 26 8.20 -26.60 13.74
C GLU A 26 9.19 -25.59 14.33
N GLY A 27 8.78 -24.93 15.42
CA GLY A 27 9.65 -23.98 16.14
C GLY A 27 9.89 -22.71 15.38
N LEU A 28 8.80 -22.25 14.78
CA LEU A 28 8.84 -21.06 13.94
C LEU A 28 8.23 -19.85 14.66
N SER A 29 8.84 -18.70 14.47
CA SER A 29 8.32 -17.46 15.03
C SER A 29 7.10 -17.05 14.21
N GLY A 30 6.19 -16.25 14.77
CA GLY A 30 5.00 -15.83 14.06
C GLY A 30 5.25 -15.25 12.68
N GLU A 31 6.40 -14.61 12.58
CA GLU A 31 6.87 -14.02 11.33
C GLU A 31 7.18 -15.13 10.33
N GLN A 32 8.07 -16.05 10.70
CA GLN A 32 8.43 -17.15 9.80
C GLN A 32 7.19 -17.94 9.36
N LYS A 33 6.22 -18.09 10.24
CA LYS A 33 5.03 -18.83 9.88
C LYS A 33 4.32 -18.08 8.76
N SER A 34 4.33 -16.75 8.84
CA SER A 34 3.67 -15.92 7.85
C SER A 34 4.43 -16.07 6.56
N GLN A 35 5.75 -16.13 6.67
CA GLN A 35 6.61 -16.32 5.49
C GLN A 35 6.43 -17.67 4.84
N TRP A 36 6.24 -18.69 5.67
CA TRP A 36 6.06 -20.02 5.16
C TRP A 36 4.74 -20.06 4.38
N MET A 37 3.70 -19.49 4.97
CA MET A 37 2.41 -19.51 4.31
C MET A 37 2.44 -18.78 2.95
N LEU A 38 3.23 -17.71 2.83
CA LEU A 38 3.31 -16.92 1.59
C LEU A 38 4.10 -17.66 0.54
N THR A 39 5.12 -18.38 0.95
CA THR A 39 5.95 -19.22 0.02
C THR A 39 4.97 -20.28 -0.61
N ILE A 40 4.20 -21.00 0.22
CA ILE A 40 3.28 -22.00 -0.28
C ILE A 40 2.33 -21.23 -1.20
N LYS A 41 1.79 -20.10 -0.75
CA LYS A 41 0.89 -19.34 -1.62
C LYS A 41 1.57 -18.91 -2.95
N ALA A 42 2.84 -18.50 -2.97
CA ALA A 42 3.53 -18.14 -4.23
C ALA A 42 3.64 -19.35 -5.17
N VAL A 43 3.75 -20.54 -4.56
CA VAL A 43 3.85 -21.73 -5.41
C VAL A 43 2.51 -22.07 -6.04
N VAL A 44 1.38 -22.05 -5.29
CA VAL A 44 0.16 -22.38 -6.00
C VAL A 44 -0.12 -21.35 -7.07
N GLN A 45 0.16 -20.10 -6.80
CA GLN A 45 -0.07 -19.05 -7.76
C GLN A 45 0.77 -19.26 -9.05
N SER A 46 2.01 -19.72 -8.94
CA SER A 46 2.81 -19.96 -10.14
C SER A 46 2.18 -21.13 -10.97
N ALA A 47 1.73 -22.18 -10.28
CA ALA A 47 1.02 -23.29 -10.94
C ALA A 47 -0.23 -22.80 -11.68
N LYS A 48 -0.71 -21.60 -11.39
CA LYS A 48 -1.87 -21.11 -12.11
C LYS A 48 -1.49 -20.48 -13.42
N HIS A 49 -0.24 -20.06 -13.58
CA HIS A 49 0.19 -19.40 -14.82
C HIS A 49 1.07 -20.30 -15.69
N TRP A 50 1.86 -21.13 -15.03
CA TRP A 50 2.81 -22.06 -15.64
C TRP A 50 2.39 -23.50 -15.38
N ASN A 51 2.91 -24.43 -16.14
CA ASN A 51 2.62 -25.84 -15.91
C ASN A 51 3.87 -26.29 -15.25
N LEU A 52 3.77 -26.51 -13.94
CA LEU A 52 4.94 -26.86 -13.14
C LEU A 52 5.56 -28.21 -13.51
N ALA A 53 4.86 -29.06 -14.28
CA ALA A 53 5.42 -30.35 -14.69
C ALA A 53 6.44 -30.12 -15.77
N GLU A 54 6.44 -28.90 -16.31
CA GLU A 54 7.37 -28.57 -17.36
C GLU A 54 8.33 -27.53 -16.83
N CYS A 55 8.47 -27.44 -15.51
CA CYS A 55 9.41 -26.48 -14.92
C CYS A 55 10.44 -27.22 -14.11
N THR A 56 11.58 -26.61 -13.88
CA THR A 56 12.59 -27.26 -13.09
C THR A 56 12.49 -26.71 -11.66
N PHE A 57 12.59 -27.60 -10.68
CA PHE A 57 12.55 -27.28 -9.27
C PHE A 57 13.86 -27.74 -8.62
N GLU A 58 14.49 -26.88 -7.80
CA GLU A 58 15.75 -27.22 -7.13
C GLU A 58 16.05 -26.33 -5.94
N ALA A 59 16.86 -26.81 -5.02
CA ALA A 59 17.25 -25.98 -3.89
C ALA A 59 18.50 -25.20 -4.28
N SER A 60 18.56 -23.93 -3.85
CA SER A 60 19.69 -23.06 -4.12
C SER A 60 20.39 -22.72 -2.79
N GLY A 61 20.80 -21.46 -2.63
CA GLY A 61 21.45 -21.05 -1.39
C GLY A 61 20.47 -21.06 -0.22
N GLU A 62 19.92 -19.90 0.09
CA GLU A 62 18.94 -19.85 1.20
C GLU A 62 17.52 -19.92 0.60
N GLY A 63 17.29 -20.93 -0.22
CA GLY A 63 16.00 -21.06 -0.80
C GLY A 63 15.77 -22.11 -1.83
N VAL A 64 14.73 -21.85 -2.61
CA VAL A 64 14.24 -22.69 -3.67
C VAL A 64 14.00 -21.86 -4.90
N ILE A 65 14.17 -22.53 -6.03
CA ILE A 65 14.04 -22.02 -7.39
C ILE A 65 13.03 -22.82 -8.29
N ILE A 66 12.36 -22.16 -9.22
CA ILE A 66 11.47 -22.82 -10.13
C ILE A 66 11.70 -22.10 -11.44
N LYS A 67 12.19 -22.84 -12.44
CA LYS A 67 12.52 -22.22 -13.73
C LYS A 67 11.69 -22.74 -14.85
N LYS A 68 11.36 -21.84 -15.76
CA LYS A 68 10.57 -22.12 -16.95
C LYS A 68 11.38 -21.59 -18.14
N ARG A 69 12.09 -22.45 -18.86
CA ARG A 69 12.85 -21.94 -19.99
C ARG A 69 11.95 -21.36 -21.12
N LYS B 7 12.67 -11.50 2.32
CA LYS B 7 12.57 -11.25 0.84
C LYS B 7 11.35 -11.88 0.22
N GLN B 8 10.48 -11.07 -0.37
CA GLN B 8 9.34 -11.62 -1.03
C GLN B 8 9.77 -12.44 -2.26
N PRO B 9 8.83 -13.16 -2.87
CA PRO B 9 9.12 -13.96 -4.06
C PRO B 9 9.71 -13.05 -5.08
N GLU B 10 10.61 -13.59 -5.86
CA GLU B 10 11.24 -12.81 -6.90
C GLU B 10 11.21 -13.62 -8.15
N LEU B 11 10.81 -12.94 -9.20
CA LEU B 11 10.72 -13.51 -10.52
C LEU B 11 11.83 -12.88 -11.39
N GLU B 12 12.83 -13.67 -11.75
CA GLU B 12 13.92 -13.15 -12.59
C GLU B 12 13.58 -13.51 -14.05
N SER B 13 13.68 -12.53 -14.90
CA SER B 13 13.40 -12.77 -16.28
C SER B 13 14.74 -12.71 -17.02
N ASP B 14 15.10 -13.84 -17.63
CA ASP B 14 16.33 -14.02 -18.42
C ASP B 14 15.90 -14.04 -19.88
N GLU B 15 16.87 -13.81 -20.76
CA GLU B 15 16.62 -13.85 -22.19
C GLU B 15 16.41 -15.35 -22.50
N HIS B 16 16.86 -16.19 -21.55
CA HIS B 16 16.78 -17.63 -21.66
C HIS B 16 15.61 -18.27 -20.87
N GLY B 17 14.70 -17.45 -20.36
CA GLY B 17 13.57 -17.98 -19.64
C GLY B 17 13.35 -17.22 -18.35
N LYS B 18 12.41 -17.67 -17.54
CA LYS B 18 12.11 -17.01 -16.26
C LYS B 18 12.46 -17.87 -15.07
N THR B 19 12.61 -17.23 -13.93
CA THR B 19 12.96 -17.95 -12.73
C THR B 19 12.24 -17.40 -11.49
N LEU B 20 11.45 -18.24 -10.83
CA LEU B 20 10.75 -17.85 -9.59
C LEU B 20 11.64 -18.23 -8.41
N ARG B 21 12.09 -17.26 -7.64
CA ARG B 21 12.99 -17.57 -6.54
C ARG B 21 12.31 -17.27 -5.24
N LEU B 22 12.39 -18.25 -4.37
CA LEU B 22 11.76 -18.21 -3.07
C LEU B 22 12.81 -18.26 -2.04
N THR B 23 12.73 -17.37 -1.08
CA THR B 23 13.71 -17.27 -0.04
C THR B 23 13.25 -17.84 1.29
N LEU B 24 14.16 -18.53 1.98
CA LEU B 24 13.84 -19.10 3.29
C LEU B 24 14.30 -18.17 4.39
N PRO B 25 13.60 -18.14 5.52
CA PRO B 25 13.99 -17.27 6.63
C PRO B 25 15.42 -17.40 7.09
N GLU B 26 15.91 -16.27 7.56
CA GLU B 26 17.26 -16.12 8.05
C GLU B 26 17.52 -17.04 9.22
N GLY B 27 18.65 -17.72 9.16
CA GLY B 27 19.09 -18.61 10.21
C GLY B 27 18.29 -19.82 10.62
N LEU B 28 17.26 -20.21 9.89
CA LEU B 28 16.50 -21.41 10.29
C LEU B 28 17.49 -22.53 10.61
N SER B 29 17.04 -23.51 11.40
CA SER B 29 17.85 -24.68 11.75
C SER B 29 17.95 -25.60 10.52
N GLY B 30 18.66 -26.72 10.68
CA GLY B 30 18.83 -27.64 9.57
C GLY B 30 17.59 -28.45 9.25
N GLU B 31 16.88 -28.94 10.27
CA GLU B 31 15.72 -29.75 10.02
C GLU B 31 14.52 -28.86 9.72
N GLN B 32 14.52 -27.64 10.24
CA GLN B 32 13.40 -26.75 9.91
C GLN B 32 13.49 -26.46 8.40
N LYS B 33 14.71 -26.28 7.88
CA LYS B 33 14.96 -26.01 6.48
C LYS B 33 14.50 -27.18 5.63
N SER B 34 14.74 -28.40 6.06
CA SER B 34 14.29 -29.52 5.26
C SER B 34 12.75 -29.63 5.25
N GLN B 35 12.13 -29.52 6.41
CA GLN B 35 10.66 -29.58 6.53
C GLN B 35 10.03 -28.55 5.60
N TRP B 36 10.59 -27.36 5.61
CA TRP B 36 10.10 -26.28 4.81
C TRP B 36 10.17 -26.65 3.33
N MET B 37 11.35 -27.12 2.94
CA MET B 37 11.63 -27.48 1.58
C MET B 37 10.71 -28.57 1.10
N LEU B 38 10.54 -29.53 1.98
CA LEU B 38 9.67 -30.65 1.72
C LEU B 38 8.24 -30.15 1.52
N THR B 39 7.79 -29.15 2.26
CA THR B 39 6.40 -28.74 2.07
C THR B 39 6.25 -28.07 0.73
N ILE B 40 7.30 -27.41 0.25
CA ILE B 40 7.09 -26.75 -1.03
C ILE B 40 7.10 -27.73 -2.18
N LYS B 41 7.94 -28.74 -2.06
CA LYS B 41 8.05 -29.75 -3.06
C LYS B 41 6.71 -30.55 -3.16
N ALA B 42 6.06 -30.78 -2.02
CA ALA B 42 4.77 -31.50 -2.06
C ALA B 42 3.82 -30.69 -2.93
N VAL B 43 3.88 -29.34 -2.86
CA VAL B 43 3.00 -28.54 -3.72
C VAL B 43 3.38 -28.64 -5.18
N VAL B 44 4.69 -28.58 -5.49
CA VAL B 44 5.04 -28.70 -6.89
C VAL B 44 4.60 -30.10 -7.39
N GLN B 45 4.80 -31.15 -6.60
CA GLN B 45 4.40 -32.53 -6.98
C GLN B 45 2.93 -32.52 -7.18
N SER B 46 2.18 -31.83 -6.33
CA SER B 46 0.74 -31.94 -6.57
C SER B 46 0.38 -31.22 -7.86
N ALA B 47 1.12 -30.18 -8.24
CA ALA B 47 0.77 -29.48 -9.48
C ALA B 47 0.95 -30.30 -10.72
N LYS B 48 1.61 -31.46 -10.59
CA LYS B 48 1.85 -32.38 -11.71
C LYS B 48 0.73 -33.36 -11.90
N HIS B 49 -0.05 -33.56 -10.85
CA HIS B 49 -1.16 -34.46 -10.90
C HIS B 49 -2.48 -33.70 -11.04
N TRP B 50 -2.58 -32.59 -10.32
CA TRP B 50 -3.81 -31.78 -10.26
C TRP B 50 -3.64 -30.42 -10.94
N ASN B 51 -4.74 -29.82 -11.35
CA ASN B 51 -4.63 -28.48 -11.87
C ASN B 51 -5.02 -27.62 -10.67
N LEU B 52 -4.00 -26.99 -10.08
CA LEU B 52 -4.15 -26.16 -8.90
C LEU B 52 -5.02 -24.94 -9.09
N ALA B 53 -5.23 -24.50 -10.32
CA ALA B 53 -6.08 -23.32 -10.53
C ALA B 53 -7.50 -23.73 -10.20
N GLU B 54 -7.76 -25.04 -10.20
CA GLU B 54 -9.11 -25.56 -9.98
C GLU B 54 -9.24 -26.22 -8.62
N CYS B 55 -8.34 -25.93 -7.71
CA CYS B 55 -8.35 -26.49 -6.36
C CYS B 55 -8.67 -25.39 -5.37
N THR B 56 -9.11 -25.74 -4.19
CA THR B 56 -9.41 -24.72 -3.23
C THR B 56 -8.25 -24.88 -2.26
N PHE B 57 -7.77 -23.75 -1.81
CA PHE B 57 -6.66 -23.61 -0.95
C PHE B 57 -7.06 -22.86 0.35
N GLU B 58 -7.22 -23.60 1.48
CA GLU B 58 -7.56 -22.98 2.77
C GLU B 58 -6.52 -23.17 3.93
N ALA B 59 -6.48 -22.23 4.89
CA ALA B 59 -5.55 -22.36 6.03
C ALA B 59 -6.19 -23.25 7.07
N SER B 60 -5.36 -24.07 7.74
CA SER B 60 -5.91 -24.98 8.72
C SER B 60 -5.20 -24.74 10.00
N GLY B 61 -5.46 -25.60 10.98
CA GLY B 61 -4.81 -25.45 12.26
C GLY B 61 -3.33 -25.68 12.17
N GLU B 62 -2.98 -26.82 11.56
CA GLU B 62 -1.59 -27.25 11.41
C GLU B 62 -0.74 -26.51 10.36
N GLY B 63 -1.39 -26.01 9.31
CA GLY B 63 -0.66 -25.32 8.26
C GLY B 63 -1.59 -25.00 7.14
N VAL B 64 -1.57 -25.80 6.06
CA VAL B 64 -2.46 -25.58 4.92
C VAL B 64 -2.96 -26.82 4.27
N ILE B 65 -4.10 -26.64 3.62
CA ILE B 65 -4.83 -27.68 2.93
C ILE B 65 -5.20 -27.29 1.48
N ILE B 66 -4.86 -28.16 0.55
CA ILE B 66 -5.19 -27.96 -0.86
C ILE B 66 -6.16 -29.04 -1.16
N LYS B 67 -7.33 -28.65 -1.62
CA LYS B 67 -8.40 -29.57 -1.93
C LYS B 67 -8.77 -29.60 -3.41
N LYS B 68 -8.98 -30.81 -3.91
CA LYS B 68 -9.38 -31.13 -5.29
C LYS B 68 -10.70 -31.89 -5.22
N ARG B 69 -11.75 -31.47 -5.72
CA ARG B 69 -13.10 -32.02 -5.73
C ARG B 69 -13.66 -32.11 -4.32
N TRP C 6 -11.83 7.76 8.33
CA TRP C 6 -10.43 7.60 7.83
C TRP C 6 -9.50 8.74 8.18
N LYS C 7 -8.26 8.39 8.45
CA LYS C 7 -7.32 9.45 8.74
C LYS C 7 -6.21 9.28 7.74
N GLN C 8 -5.70 10.40 7.20
CA GLN C 8 -4.64 10.31 6.20
C GLN C 8 -3.40 9.92 6.90
N PRO C 9 -2.45 9.42 6.17
CA PRO C 9 -1.21 9.04 6.83
C PRO C 9 -0.64 10.25 7.63
N GLU C 10 -0.06 9.99 8.81
CA GLU C 10 0.56 11.00 9.67
C GLU C 10 1.98 10.65 10.10
N LEU C 11 2.94 11.50 9.80
CA LEU C 11 4.33 11.28 10.17
C LEU C 11 4.62 12.06 11.48
N GLU C 12 4.74 11.34 12.60
CA GLU C 12 5.01 11.90 13.93
C GLU C 12 6.48 11.85 14.42
N SER C 13 6.96 13.00 14.90
CA SER C 13 8.33 13.16 15.42
C SER C 13 8.39 13.61 16.91
N ASP C 14 9.34 13.00 17.63
CA ASP C 14 9.61 13.15 19.08
C ASP C 14 11.12 13.02 19.40
N GLU C 15 11.50 13.46 20.60
CA GLU C 15 12.88 13.34 21.07
C GLU C 15 13.18 11.84 21.01
N HIS C 16 12.13 11.05 21.10
CA HIS C 16 12.27 9.60 21.05
C HIS C 16 12.22 9.02 19.62
N GLY C 17 12.36 9.90 18.60
CA GLY C 17 12.36 9.46 17.21
C GLY C 17 11.22 9.86 16.30
N LYS C 18 10.96 9.05 15.28
CA LYS C 18 9.89 9.33 14.29
C LYS C 18 8.91 8.16 14.05
N THR C 19 7.61 8.48 13.96
CA THR C 19 6.60 7.46 13.74
C THR C 19 5.62 7.70 12.55
N LEU C 20 5.57 6.82 11.53
CA LEU C 20 4.58 6.99 10.41
C LEU C 20 3.40 6.10 10.68
N ARG C 21 2.32 6.76 11.05
CA ARG C 21 1.04 6.19 11.38
C ARG C 21 0.06 6.11 10.17
N LEU C 22 -0.23 4.88 9.75
CA LEU C 22 -1.12 4.58 8.62
C LEU C 22 -2.38 4.05 9.17
N THR C 23 -3.48 4.67 8.80
CA THR C 23 -4.77 4.27 9.34
C THR C 23 -5.53 3.45 8.31
N LEU C 24 -6.39 2.54 8.75
CA LEU C 24 -7.12 1.81 7.74
C LEU C 24 -8.58 2.26 7.68
N PRO C 25 -9.20 2.26 6.49
CA PRO C 25 -10.61 2.66 6.40
C PRO C 25 -11.44 1.60 7.09
N GLU C 26 -12.62 1.91 7.64
CA GLU C 26 -13.37 0.82 8.30
C GLU C 26 -14.37 0.15 7.40
N GLY C 27 -14.66 -1.10 7.73
CA GLY C 27 -15.59 -1.88 6.94
C GLY C 27 -14.85 -2.96 6.18
N LEU C 28 -13.55 -3.07 6.40
CA LEU C 28 -12.78 -4.07 5.70
C LEU C 28 -12.83 -5.40 6.41
N SER C 29 -12.93 -6.46 5.63
CA SER C 29 -12.93 -7.82 6.16
C SER C 29 -11.56 -8.08 6.72
N GLY C 30 -11.40 -9.21 7.40
CA GLY C 30 -10.10 -9.51 7.95
C GLY C 30 -9.07 -9.69 6.86
N GLU C 31 -9.47 -10.35 5.77
CA GLU C 31 -8.58 -10.59 4.64
C GLU C 31 -8.15 -9.29 3.96
N GLN C 32 -9.12 -8.42 3.65
CA GLN C 32 -8.80 -7.14 3.06
C GLN C 32 -7.71 -6.44 3.91
N LYS C 33 -7.92 -6.37 5.24
CA LYS C 33 -6.97 -5.78 6.19
C LYS C 33 -5.57 -6.40 6.15
N SER C 34 -5.52 -7.72 6.20
CA SER C 34 -4.24 -8.42 6.15
C SER C 34 -3.57 -8.14 4.80
N GLN C 35 -4.34 -8.18 3.72
CA GLN C 35 -3.78 -7.89 2.39
C GLN C 35 -3.21 -6.44 2.37
N TRP C 36 -4.03 -5.50 2.88
CA TRP C 36 -3.64 -4.10 2.91
C TRP C 36 -2.29 -3.91 3.61
N MET C 37 -2.22 -4.46 4.84
CA MET C 37 -1.03 -4.33 5.67
C MET C 37 0.13 -5.08 5.16
N LEU C 38 -0.17 -6.13 4.40
CA LEU C 38 0.95 -6.89 3.85
C LEU C 38 1.56 -6.09 2.73
N THR C 39 0.73 -5.41 1.90
CA THR C 39 1.37 -4.60 0.86
C THR C 39 2.30 -3.54 1.47
N ILE C 40 1.93 -2.99 2.64
CA ILE C 40 2.72 -1.93 3.29
C ILE C 40 4.01 -2.53 3.82
N LYS C 41 3.82 -3.63 4.55
CA LYS C 41 4.96 -4.36 5.07
C LYS C 41 5.94 -4.63 3.96
N ALA C 42 5.46 -5.04 2.77
CA ALA C 42 6.44 -5.31 1.69
C ALA C 42 7.22 -4.07 1.27
N VAL C 43 6.59 -2.91 1.29
CA VAL C 43 7.37 -1.75 0.91
C VAL C 43 8.59 -1.43 1.85
N VAL C 44 8.32 -1.48 3.15
CA VAL C 44 9.33 -1.15 4.16
C VAL C 44 10.54 -2.06 4.14
N GLN C 45 10.27 -3.32 4.40
CA GLN C 45 11.35 -4.28 4.44
C GLN C 45 11.92 -4.41 3.03
N SER C 46 11.60 -3.45 2.18
CA SER C 46 12.10 -3.47 0.81
C SER C 46 13.16 -2.42 0.79
N ALA C 47 13.09 -1.53 1.78
CA ALA C 47 14.05 -0.44 1.90
C ALA C 47 15.43 -1.03 2.18
N LYS C 48 15.46 -2.17 2.86
CA LYS C 48 16.73 -2.79 3.17
C LYS C 48 17.32 -3.56 2.01
N HIS C 49 16.89 -3.26 0.79
CA HIS C 49 17.42 -3.94 -0.39
C HIS C 49 17.63 -3.03 -1.55
N TRP C 50 17.25 -1.77 -1.41
CA TRP C 50 17.42 -0.79 -2.47
C TRP C 50 17.09 0.60 -1.93
N ASN C 51 17.35 1.63 -2.71
CA ASN C 51 17.07 2.98 -2.24
C ASN C 51 15.69 3.50 -2.66
N LEU C 52 14.72 3.41 -1.76
CA LEU C 52 13.40 3.89 -2.10
C LEU C 52 13.42 5.27 -2.64
N ALA C 53 14.28 6.14 -2.07
CA ALA C 53 14.40 7.55 -2.51
C ALA C 53 14.75 7.71 -3.97
N GLU C 54 15.28 6.65 -4.53
CA GLU C 54 15.72 6.68 -5.91
C GLU C 54 14.75 5.86 -6.78
N CYS C 55 13.60 5.45 -6.22
CA CYS C 55 12.67 4.65 -7.01
C CYS C 55 11.48 5.45 -7.47
N THR C 56 10.86 5.00 -8.57
CA THR C 56 9.66 5.62 -9.12
C THR C 56 8.39 4.84 -8.81
N PHE C 57 7.33 5.56 -8.49
CA PHE C 57 6.02 5.04 -8.14
C PHE C 57 5.08 5.31 -9.28
N GLU C 58 4.41 4.26 -9.71
CA GLU C 58 3.50 4.35 -10.83
C GLU C 58 2.28 3.54 -10.50
N ALA C 59 1.09 4.10 -10.70
CA ALA C 59 -0.13 3.34 -10.42
C ALA C 59 -0.40 2.53 -11.66
N SER C 60 -0.55 1.23 -11.53
CA SER C 60 -0.83 0.35 -12.70
C SER C 60 -2.25 -0.22 -12.65
N GLY C 61 -2.44 -1.25 -13.47
CA GLY C 61 -3.74 -1.90 -13.50
C GLY C 61 -3.99 -2.66 -12.21
N GLU C 62 -4.98 -2.23 -11.45
CA GLU C 62 -5.29 -2.89 -10.19
C GLU C 62 -4.03 -3.13 -9.32
N GLY C 63 -3.28 -2.05 -9.14
CA GLY C 63 -2.09 -2.12 -8.32
C GLY C 63 -1.17 -0.93 -8.49
N VAL C 64 0.02 -1.15 -7.98
CA VAL C 64 1.02 -0.14 -8.05
C VAL C 64 2.28 -0.85 -8.22
N ILE C 65 3.18 -0.13 -8.84
CA ILE C 65 4.49 -0.64 -9.09
C ILE C 65 5.56 0.29 -8.56
N ILE C 66 6.61 -0.28 -7.97
CA ILE C 66 7.69 0.54 -7.49
C ILE C 66 8.89 0.10 -8.24
N LYS C 67 9.39 0.95 -9.13
CA LYS C 67 10.54 0.60 -9.97
C LYS C 67 11.87 1.28 -9.69
N LYS C 68 12.92 0.59 -10.10
CA LYS C 68 14.28 1.07 -9.95
C LYS C 68 15.02 0.63 -11.20
N ARG C 69 15.24 1.55 -12.12
CA ARG C 69 15.95 1.23 -13.33
C ARG C 69 17.42 1.28 -12.96
N GLN C 70 18.22 0.51 -13.69
CA GLN C 70 19.67 0.41 -13.52
C GLN C 70 20.27 -0.28 -14.75
N ILE C 71 21.50 0.10 -15.11
CA ILE C 71 22.23 -0.51 -16.22
C ILE C 71 23.24 -1.52 -15.65
N THR C 72 23.97 -2.22 -16.52
CA THR C 72 24.96 -3.20 -16.05
C THR C 72 26.03 -3.42 -17.15
N MET D 4 -7.62 -17.00 -2.59
CA MET D 4 -6.69 -17.88 -3.37
C MET D 4 -6.23 -17.18 -4.64
N ASP D 5 -7.03 -16.23 -5.09
CA ASP D 5 -6.71 -15.47 -6.31
C ASP D 5 -5.96 -14.14 -6.13
N TRP D 6 -5.86 -13.63 -4.89
CA TRP D 6 -5.12 -12.42 -4.68
C TRP D 6 -3.60 -12.68 -4.75
N LYS D 7 -2.93 -11.92 -5.61
CA LYS D 7 -1.50 -12.01 -5.85
C LYS D 7 -0.76 -11.19 -4.81
N GLN D 8 0.16 -11.84 -4.15
CA GLN D 8 0.91 -11.22 -3.09
C GLN D 8 2.01 -10.30 -3.67
N PRO D 9 2.62 -9.48 -2.83
CA PRO D 9 3.67 -8.60 -3.33
C PRO D 9 4.84 -9.42 -3.92
N GLU D 10 5.34 -9.04 -5.08
CA GLU D 10 6.48 -9.75 -5.59
C GLU D 10 7.45 -8.83 -6.27
N LEU D 11 8.71 -9.23 -6.24
CA LEU D 11 9.81 -8.53 -6.86
C LEU D 11 10.03 -9.14 -8.26
N GLU D 12 10.35 -8.31 -9.24
CA GLU D 12 10.62 -8.78 -10.60
C GLU D 12 11.93 -8.20 -11.03
N SER D 13 12.85 -9.04 -11.51
CA SER D 13 14.16 -8.52 -11.92
C SER D 13 14.55 -8.89 -13.34
N ASP D 14 15.12 -7.94 -14.04
CA ASP D 14 15.52 -8.17 -15.39
C ASP D 14 16.70 -7.27 -15.64
N GLU D 15 17.31 -7.34 -16.82
CA GLU D 15 18.49 -6.54 -17.14
C GLU D 15 18.26 -5.05 -16.86
N HIS D 16 17.01 -4.62 -16.98
CA HIS D 16 16.65 -3.23 -16.82
C HIS D 16 16.31 -2.74 -15.45
N GLY D 17 16.71 -3.48 -14.43
CA GLY D 17 16.42 -3.08 -13.08
C GLY D 17 15.54 -4.07 -12.37
N LYS D 18 14.91 -3.60 -11.30
CA LYS D 18 14.03 -4.38 -10.46
C LYS D 18 12.70 -3.65 -10.32
N THR D 19 11.64 -4.42 -10.08
CA THR D 19 10.28 -3.90 -9.87
C THR D 19 9.54 -4.67 -8.79
N LEU D 20 8.98 -3.94 -7.84
CA LEU D 20 8.20 -4.53 -6.79
C LEU D 20 6.76 -4.19 -7.20
N ARG D 21 5.98 -5.23 -7.44
CA ARG D 21 4.61 -5.07 -7.85
C ARG D 21 3.72 -5.35 -6.67
N LEU D 22 2.74 -4.50 -6.50
CA LEU D 22 1.81 -4.58 -5.42
C LEU D 22 0.42 -4.56 -6.04
N THR D 23 -0.34 -5.57 -5.66
CA THR D 23 -1.69 -5.76 -6.09
C THR D 23 -2.64 -5.29 -4.99
N LEU D 24 -3.68 -4.59 -5.39
CA LEU D 24 -4.70 -4.06 -4.53
C LEU D 24 -5.44 -5.11 -3.74
N PRO D 25 -5.70 -4.85 -2.45
CA PRO D 25 -6.47 -5.80 -1.63
C PRO D 25 -7.74 -6.01 -2.44
N GLU D 26 -8.37 -7.17 -2.30
CA GLU D 26 -9.53 -7.43 -3.09
C GLU D 26 -10.76 -6.84 -2.52
N GLY D 27 -11.75 -6.65 -3.38
CA GLY D 27 -13.05 -6.15 -2.97
C GLY D 27 -13.16 -4.74 -2.44
N LEU D 28 -12.24 -3.86 -2.81
CA LEU D 28 -12.29 -2.48 -2.35
C LEU D 28 -13.19 -1.61 -3.21
N SER D 29 -13.75 -0.58 -2.60
CA SER D 29 -14.59 0.38 -3.29
C SER D 29 -13.64 1.34 -4.00
N GLY D 30 -14.17 2.18 -4.88
CA GLY D 30 -13.33 3.11 -5.59
C GLY D 30 -12.44 3.93 -4.68
N GLU D 31 -13.07 4.57 -3.70
CA GLU D 31 -12.42 5.46 -2.74
C GLU D 31 -11.38 4.68 -1.97
N GLN D 32 -11.68 3.42 -1.64
CA GLN D 32 -10.78 2.66 -0.85
C GLN D 32 -9.52 2.30 -1.59
N LYS D 33 -9.64 2.11 -2.89
CA LYS D 33 -8.48 1.74 -3.73
C LYS D 33 -7.55 2.96 -3.79
N SER D 34 -8.17 4.12 -3.94
CA SER D 34 -7.51 5.39 -3.90
C SER D 34 -6.76 5.60 -2.57
N GLN D 35 -7.38 5.27 -1.43
CA GLN D 35 -6.71 5.50 -0.14
C GLN D 35 -5.53 4.58 -0.01
N TRP D 36 -5.73 3.34 -0.47
CA TRP D 36 -4.67 2.36 -0.47
C TRP D 36 -3.45 2.81 -1.29
N MET D 37 -3.71 3.30 -2.50
CA MET D 37 -2.63 3.75 -3.35
C MET D 37 -1.97 5.00 -2.71
N LEU D 38 -2.79 5.89 -2.13
CA LEU D 38 -2.15 7.06 -1.45
C LEU D 38 -1.25 6.57 -0.27
N THR D 39 -1.74 5.60 0.50
CA THR D 39 -0.95 5.07 1.63
C THR D 39 0.42 4.50 1.17
N ILE D 40 0.43 3.76 0.09
CA ILE D 40 1.68 3.22 -0.41
C ILE D 40 2.57 4.37 -0.83
N LYS D 41 1.96 5.36 -1.54
CA LYS D 41 2.78 6.49 -1.99
C LYS D 41 3.39 7.27 -0.80
N ALA D 42 2.58 7.43 0.26
CA ALA D 42 3.02 8.16 1.42
C ALA D 42 4.28 7.45 1.93
N VAL D 43 4.23 6.13 1.99
CA VAL D 43 5.44 5.42 2.44
C VAL D 43 6.67 5.60 1.56
N VAL D 44 6.50 5.56 0.24
CA VAL D 44 7.68 5.75 -0.57
C VAL D 44 8.17 7.19 -0.56
N GLN D 45 7.24 8.12 -0.38
CA GLN D 45 7.57 9.57 -0.30
C GLN D 45 8.37 9.83 1.04
N SER D 46 8.04 9.11 2.12
CA SER D 46 8.76 9.28 3.36
C SER D 46 10.26 8.92 3.16
N ALA D 47 10.58 8.02 2.23
CA ALA D 47 11.99 7.66 2.02
C ALA D 47 12.95 8.82 1.79
N LYS D 48 12.39 9.95 1.40
CA LYS D 48 13.14 11.18 1.09
C LYS D 48 13.42 11.96 2.39
N HIS D 49 13.15 11.31 3.51
CA HIS D 49 13.40 11.90 4.80
C HIS D 49 14.25 10.93 5.62
N TRP D 50 13.61 9.98 6.29
CA TRP D 50 14.30 8.99 7.08
C TRP D 50 14.78 7.79 6.29
N ASN D 51 15.34 6.81 6.99
CA ASN D 51 15.81 5.60 6.34
C ASN D 51 14.93 4.44 6.78
N LEU D 52 14.11 3.99 5.85
CA LEU D 52 13.16 2.93 6.12
C LEU D 52 13.84 1.61 6.38
N ALA D 53 15.07 1.48 5.86
CA ALA D 53 15.84 0.26 6.10
C ALA D 53 16.08 0.13 7.63
N GLU D 54 16.17 1.28 8.32
CA GLU D 54 16.39 1.23 9.76
C GLU D 54 15.12 1.37 10.59
N CYS D 55 13.96 1.25 9.95
CA CYS D 55 12.72 1.40 10.71
C CYS D 55 12.12 0.09 11.09
N THR D 56 11.02 0.21 11.82
CA THR D 56 10.31 -0.92 12.38
C THR D 56 8.86 -0.99 11.93
N PHE D 57 8.41 -2.17 11.59
CA PHE D 57 7.03 -2.30 11.15
C PHE D 57 6.22 -2.94 12.25
N GLU D 58 5.08 -2.36 12.54
CA GLU D 58 4.23 -2.94 13.56
C GLU D 58 2.83 -2.81 13.05
N ALA D 59 2.03 -3.87 13.15
CA ALA D 59 0.65 -3.83 12.68
C ALA D 59 -0.41 -3.87 13.79
N SER D 60 -1.65 -4.12 13.37
CA SER D 60 -2.83 -4.13 14.26
C SER D 60 -4.05 -4.00 13.34
N GLY D 61 -5.21 -4.42 13.82
CA GLY D 61 -6.43 -4.33 13.03
C GLY D 61 -7.01 -2.93 13.05
N GLU D 62 -6.17 -1.99 13.41
CA GLU D 62 -6.60 -0.62 13.44
C GLU D 62 -5.72 0.12 12.44
N GLY D 63 -4.61 -0.51 12.07
CA GLY D 63 -3.69 0.12 11.16
C GLY D 63 -2.25 -0.34 11.31
N VAL D 64 -1.33 0.45 10.80
CA VAL D 64 0.07 0.13 10.78
C VAL D 64 0.96 1.23 11.31
N ILE D 65 2.14 0.86 11.83
CA ILE D 65 3.02 1.89 12.33
C ILE D 65 4.40 1.58 11.92
N ILE D 66 5.11 2.58 11.44
CA ILE D 66 6.48 2.37 11.04
C ILE D 66 7.27 3.34 11.90
N LYS D 67 8.28 2.84 12.59
CA LYS D 67 9.05 3.64 13.53
C LYS D 67 10.56 3.56 13.41
N LYS D 68 11.21 4.70 13.58
CA LYS D 68 12.67 4.81 13.58
C LYS D 68 12.92 5.35 14.98
N ARG D 69 13.14 4.48 15.95
CA ARG D 69 13.35 4.94 17.32
C ARG D 69 14.75 5.45 17.69
N GLN D 70 14.80 6.55 18.40
CA GLN D 70 16.05 7.12 18.87
C GLN D 70 16.26 6.56 20.29
N ILE D 71 17.35 5.81 20.52
CA ILE D 71 17.63 5.25 21.85
C ILE D 71 17.72 6.41 22.86
N THR D 72 17.13 6.20 24.01
CA THR D 72 17.18 7.22 25.05
C THR D 72 17.74 6.72 26.40
N PRO D 73 18.07 7.67 27.29
CA PRO D 73 18.62 7.38 28.62
C PRO D 73 17.80 6.34 29.31
N ASP D 74 18.42 5.25 29.71
CA ASP D 74 17.66 4.30 30.45
C ASP D 74 18.59 3.54 31.38
N VAL D 75 17.98 2.89 32.38
CA VAL D 75 18.71 2.08 33.35
C VAL D 75 18.74 0.65 32.85
N MET E 4 3.83 8.82 -11.17
CA MET E 4 3.46 10.09 -10.46
C MET E 4 4.35 10.26 -9.26
N ASP E 5 5.48 10.94 -9.45
CA ASP E 5 6.44 11.14 -8.37
C ASP E 5 6.38 12.52 -7.75
N TRP E 6 5.29 13.23 -8.08
CA TRP E 6 4.97 14.59 -7.60
C TRP E 6 4.75 14.46 -6.10
N LYS E 7 5.30 15.37 -5.27
CA LYS E 7 5.11 15.30 -3.83
C LYS E 7 3.64 15.49 -3.30
N GLN E 8 2.92 14.41 -2.98
CA GLN E 8 1.55 14.56 -2.52
C GLN E 8 1.39 15.19 -1.12
N PRO E 9 0.17 15.60 -0.77
CA PRO E 9 -0.03 16.21 0.57
C PRO E 9 0.59 15.36 1.64
N GLU E 10 1.16 16.01 2.66
CA GLU E 10 1.81 15.34 3.78
C GLU E 10 1.35 15.94 5.09
N LEU E 11 0.79 15.11 5.98
CA LEU E 11 0.34 15.50 7.28
C LEU E 11 1.45 15.14 8.29
N GLU E 12 1.80 16.08 9.18
CA GLU E 12 2.83 15.83 10.18
C GLU E 12 2.37 16.41 11.52
N SER E 13 3.04 16.01 12.59
CA SER E 13 2.71 16.49 13.92
C SER E 13 4.03 16.40 14.66
N ASP E 14 4.29 17.49 15.37
CA ASP E 14 5.51 17.71 16.14
C ASP E 14 5.22 17.87 17.60
N GLU E 15 6.27 18.06 18.38
CA GLU E 15 6.07 18.24 19.79
C GLU E 15 5.26 19.47 20.01
N HIS E 16 5.25 20.36 19.03
CA HIS E 16 4.49 21.58 19.18
C HIS E 16 3.75 22.03 17.91
N GLY E 17 2.74 21.26 17.50
CA GLY E 17 1.99 21.63 16.31
C GLY E 17 1.78 20.62 15.18
N LYS E 18 0.55 20.57 14.71
CA LYS E 18 0.16 19.69 13.62
C LYS E 18 0.38 20.50 12.33
N THR E 19 0.66 19.81 11.24
CA THR E 19 0.95 20.47 9.97
C THR E 19 0.56 19.69 8.73
N LEU E 20 0.09 20.43 7.71
CA LEU E 20 -0.29 19.85 6.41
C LEU E 20 0.47 20.57 5.35
N ARG E 21 1.32 19.88 4.65
CA ARG E 21 2.08 20.56 3.61
C ARG E 21 1.53 20.14 2.26
N LEU E 22 1.07 21.14 1.53
CA LEU E 22 0.48 20.97 0.20
C LEU E 22 1.53 21.46 -0.75
N THR E 23 1.84 20.65 -1.74
CA THR E 23 2.86 21.00 -2.68
C THR E 23 2.20 21.45 -3.97
N LEU E 24 2.72 22.48 -4.61
CA LEU E 24 2.10 22.97 -5.81
C LEU E 24 1.96 21.96 -6.93
N PRO E 25 0.89 22.03 -7.75
CA PRO E 25 0.80 21.05 -8.83
C PRO E 25 1.98 21.35 -9.76
N GLU E 26 2.28 20.46 -10.68
CA GLU E 26 3.45 20.68 -11.51
C GLU E 26 3.24 21.53 -12.75
N GLY E 27 4.28 22.32 -13.02
CA GLY E 27 4.34 23.19 -14.19
C GLY E 27 3.17 24.09 -14.47
N LEU E 28 2.95 25.02 -13.55
CA LEU E 28 1.85 25.94 -13.71
C LEU E 28 2.41 27.34 -13.63
N SER E 29 1.72 28.26 -14.31
CA SER E 29 2.12 29.69 -14.35
C SER E 29 2.14 30.44 -13.01
N GLY E 30 2.83 31.56 -12.96
CA GLY E 30 2.84 32.30 -11.72
C GLY E 30 1.41 32.61 -11.28
N GLU E 31 0.57 32.94 -12.24
CA GLU E 31 -0.84 33.29 -12.00
C GLU E 31 -1.59 32.08 -11.45
N GLN E 32 -1.54 30.96 -12.20
CA GLN E 32 -2.14 29.70 -11.80
C GLN E 32 -1.72 29.32 -10.37
N LYS E 33 -0.48 29.60 -10.00
CA LYS E 33 -0.04 29.25 -8.67
C LYS E 33 -0.81 30.15 -7.69
N SER E 34 -1.06 31.37 -8.15
CA SER E 34 -1.78 32.32 -7.35
C SER E 34 -3.19 31.77 -7.10
N GLN E 35 -3.86 31.41 -8.20
CA GLN E 35 -5.22 30.93 -8.14
C GLN E 35 -5.29 29.72 -7.20
N TRP E 36 -4.28 28.85 -7.28
CA TRP E 36 -4.20 27.65 -6.47
C TRP E 36 -4.07 28.07 -5.04
N MET E 37 -3.14 28.94 -4.78
CA MET E 37 -3.03 29.35 -3.38
C MET E 37 -4.36 30.04 -2.89
N LEU E 38 -5.05 30.76 -3.78
CA LEU E 38 -6.27 31.44 -3.32
C LEU E 38 -7.39 30.39 -3.11
N THR E 39 -7.35 29.34 -3.93
CA THR E 39 -8.31 28.25 -3.83
C THR E 39 -8.12 27.65 -2.46
N ILE E 40 -6.86 27.43 -2.06
CA ILE E 40 -6.61 26.84 -0.74
C ILE E 40 -7.04 27.76 0.39
N LYS E 41 -6.73 29.04 0.28
CA LYS E 41 -7.09 29.97 1.33
C LYS E 41 -8.63 30.04 1.50
N ALA E 42 -9.36 30.01 0.38
CA ALA E 42 -10.80 30.06 0.42
C ALA E 42 -11.38 28.86 1.14
N VAL E 43 -10.72 27.71 1.03
CA VAL E 43 -11.25 26.54 1.74
C VAL E 43 -10.98 26.61 3.24
N VAL E 44 -9.76 26.92 3.65
CA VAL E 44 -9.49 26.98 5.09
C VAL E 44 -10.34 28.08 5.70
N GLN E 45 -10.44 29.21 5.03
CA GLN E 45 -11.27 30.27 5.56
C GLN E 45 -12.72 29.86 5.71
N SER E 46 -13.20 29.03 4.81
CA SER E 46 -14.59 28.63 4.85
C SER E 46 -14.97 27.94 6.14
N ALA E 47 -13.97 27.31 6.74
CA ALA E 47 -14.14 26.57 7.99
C ALA E 47 -14.68 27.45 9.12
N LYS E 48 -14.42 28.76 9.05
CA LYS E 48 -14.87 29.74 10.02
C LYS E 48 -16.39 29.92 10.00
N HIS E 49 -16.99 29.78 8.82
CA HIS E 49 -18.42 29.96 8.67
C HIS E 49 -19.22 28.68 8.64
N TRP E 50 -18.58 27.54 8.40
CA TRP E 50 -19.27 26.25 8.45
C TRP E 50 -18.30 25.11 8.74
N ASN E 51 -18.83 24.01 9.24
CA ASN E 51 -17.99 22.90 9.60
C ASN E 51 -17.72 22.00 8.45
N LEU E 52 -16.49 22.02 7.96
CA LEU E 52 -16.12 21.20 6.81
C LEU E 52 -16.16 19.70 7.08
N ALA E 53 -16.08 19.31 8.34
CA ALA E 53 -16.12 17.88 8.62
C ALA E 53 -17.48 17.31 8.23
N GLU E 54 -18.47 18.18 8.16
CA GLU E 54 -19.82 17.76 7.82
C GLU E 54 -20.20 18.03 6.39
N CYS E 55 -19.23 18.45 5.59
CA CYS E 55 -19.51 18.71 4.17
C CYS E 55 -18.97 17.59 3.32
N THR E 56 -19.62 17.37 2.19
CA THR E 56 -19.20 16.42 1.20
C THR E 56 -18.31 17.19 0.14
N PHE E 57 -17.55 16.45 -0.62
CA PHE E 57 -16.68 16.99 -1.64
C PHE E 57 -17.13 16.31 -2.91
N GLU E 58 -17.26 17.03 -4.02
CA GLU E 58 -17.56 16.31 -5.26
C GLU E 58 -16.76 16.96 -6.38
N ALA E 59 -15.88 16.21 -7.02
CA ALA E 59 -15.07 16.74 -8.10
C ALA E 59 -15.89 16.90 -9.36
N SER E 60 -15.71 18.00 -10.08
CA SER E 60 -16.44 18.22 -11.32
C SER E 60 -15.54 18.12 -12.56
N GLY E 61 -16.09 18.50 -13.71
CA GLY E 61 -15.32 18.46 -14.95
C GLY E 61 -14.03 19.25 -14.74
N GLU E 62 -14.17 20.58 -14.64
CA GLU E 62 -13.03 21.47 -14.39
C GLU E 62 -13.28 22.30 -13.10
N GLY E 63 -13.71 21.60 -12.06
CA GLY E 63 -13.95 22.24 -10.79
C GLY E 63 -14.32 21.31 -9.66
N VAL E 64 -14.49 21.89 -8.49
CA VAL E 64 -14.85 21.14 -7.29
C VAL E 64 -16.03 21.78 -6.60
N ILE E 65 -16.95 20.99 -6.06
CA ILE E 65 -18.10 21.59 -5.31
C ILE E 65 -18.13 21.04 -3.89
N ILE E 66 -18.34 21.90 -2.91
CA ILE E 66 -18.35 21.42 -1.55
C ILE E 66 -19.69 21.75 -0.95
N LYS E 67 -20.30 20.83 -0.22
CA LYS E 67 -21.59 21.16 0.42
C LYS E 67 -21.91 20.40 1.70
N LYS E 68 -22.90 20.90 2.41
CA LYS E 68 -23.28 20.25 3.65
C LYS E 68 -23.89 18.86 3.33
N ARG E 69 -23.60 17.86 4.17
CA ARG E 69 -24.18 16.52 3.90
C ARG E 69 -25.59 16.52 4.47
N GLN E 70 -26.49 15.80 3.83
CA GLN E 70 -27.87 15.77 4.27
C GLN E 70 -27.94 15.23 5.69
N ILE E 71 -28.92 15.71 6.45
CA ILE E 71 -29.09 15.30 7.84
C ILE E 71 -29.41 13.82 7.96
N THR E 72 -28.72 13.18 8.90
CA THR E 72 -28.84 11.75 9.11
C THR E 72 -29.33 11.34 10.48
N PRO E 73 -30.01 10.18 10.56
CA PRO E 73 -30.31 9.23 9.49
C PRO E 73 -31.54 9.52 8.60
N ASP E 74 -32.32 10.53 8.95
CA ASP E 74 -33.53 10.85 8.20
C ASP E 74 -34.49 9.64 8.01
N VAL E 75 -35.33 9.42 9.02
CA VAL E 75 -36.32 8.35 9.01
C VAL E 75 -37.70 8.97 9.26
N ASP F 5 -10.86 32.85 -18.20
CA ASP F 5 -9.89 31.77 -17.84
C ASP F 5 -10.12 31.22 -16.42
N TRP F 6 -10.14 32.11 -15.42
CA TRP F 6 -10.38 31.67 -14.02
C TRP F 6 -11.59 32.37 -13.41
N LYS F 7 -12.14 31.79 -12.34
CA LYS F 7 -13.26 32.38 -11.63
C LYS F 7 -13.01 32.27 -10.11
N GLN F 8 -13.22 33.36 -9.37
CA GLN F 8 -13.04 33.36 -7.94
C GLN F 8 -13.86 32.24 -7.26
N PRO F 9 -13.52 31.91 -6.03
CA PRO F 9 -14.32 30.85 -5.38
C PRO F 9 -15.75 31.42 -5.34
N GLU F 10 -16.75 30.58 -5.52
CA GLU F 10 -18.15 31.02 -5.53
C GLU F 10 -19.09 30.32 -4.54
N LEU F 11 -19.81 31.09 -3.72
CA LEU F 11 -20.82 30.54 -2.78
C LEU F 11 -22.19 30.65 -3.45
N GLU F 12 -22.69 29.50 -3.90
CA GLU F 12 -23.98 29.36 -4.58
C GLU F 12 -25.13 29.21 -3.60
N SER F 13 -26.35 29.19 -4.11
CA SER F 13 -27.50 29.08 -3.22
C SER F 13 -28.72 28.51 -3.92
N ASP F 14 -29.62 27.99 -3.09
CA ASP F 14 -30.87 27.40 -3.51
C ASP F 14 -31.80 27.80 -2.36
N GLU F 15 -33.08 27.44 -2.45
CA GLU F 15 -34.04 27.76 -1.40
C GLU F 15 -33.56 27.07 -0.13
N HIS F 16 -32.59 26.19 -0.32
CA HIS F 16 -31.96 25.45 0.76
C HIS F 16 -30.71 24.79 0.21
N GLY F 17 -29.67 24.75 1.04
CA GLY F 17 -28.45 24.11 0.60
C GLY F 17 -27.44 25.00 -0.09
N LYS F 18 -26.57 25.60 0.71
CA LYS F 18 -25.50 26.47 0.25
C LYS F 18 -24.38 25.62 -0.35
N THR F 19 -23.72 26.13 -1.38
CA THR F 19 -22.61 25.41 -1.97
C THR F 19 -21.38 26.29 -2.23
N LEU F 20 -20.21 25.71 -2.05
CA LEU F 20 -18.97 26.42 -2.30
C LEU F 20 -18.38 25.82 -3.56
N ARG F 21 -18.43 26.53 -4.68
CA ARG F 21 -17.89 25.99 -5.92
C ARG F 21 -16.51 26.55 -6.17
N LEU F 22 -15.53 25.67 -6.35
CA LEU F 22 -14.13 26.07 -6.63
C LEU F 22 -13.82 25.65 -8.09
N THR F 23 -13.38 26.63 -8.86
CA THR F 23 -13.10 26.55 -10.26
C THR F 23 -11.65 26.37 -10.55
N LEU F 24 -11.39 25.45 -11.46
CA LEU F 24 -10.04 25.13 -11.88
C LEU F 24 -9.59 26.00 -13.08
N PRO F 25 -8.33 26.43 -13.09
CA PRO F 25 -7.90 27.26 -14.22
C PRO F 25 -8.10 26.54 -15.53
N GLU F 26 -8.07 27.34 -16.58
CA GLU F 26 -8.26 26.78 -17.89
C GLU F 26 -6.91 26.39 -18.41
N GLY F 27 -6.90 25.31 -19.19
CA GLY F 27 -5.65 24.88 -19.78
C GLY F 27 -4.77 23.95 -18.98
N LEU F 28 -5.27 23.46 -17.85
CA LEU F 28 -4.48 22.54 -17.04
C LEU F 28 -4.62 21.14 -17.64
N SER F 29 -3.50 20.44 -17.72
CA SER F 29 -3.43 19.05 -18.20
C SER F 29 -4.17 18.15 -17.23
N GLY F 30 -4.43 16.91 -17.65
CA GLY F 30 -5.13 15.97 -16.78
C GLY F 30 -4.48 15.75 -15.42
N GLU F 31 -3.15 15.79 -15.40
CA GLU F 31 -2.33 15.59 -14.21
C GLU F 31 -2.32 16.81 -13.30
N GLN F 32 -2.31 17.97 -13.90
CA GLN F 32 -2.35 19.17 -13.07
C GLN F 32 -3.67 19.19 -12.35
N LYS F 33 -4.75 18.83 -13.03
CA LYS F 33 -6.04 18.83 -12.38
C LYS F 33 -6.13 17.93 -11.14
N SER F 34 -5.92 16.64 -11.30
CA SER F 34 -5.99 15.68 -10.22
C SER F 34 -5.08 16.04 -9.01
N GLN F 35 -3.90 16.56 -9.31
CA GLN F 35 -2.93 16.98 -8.34
C GLN F 35 -3.59 18.16 -7.60
N TRP F 36 -4.19 19.05 -8.38
CA TRP F 36 -4.84 20.26 -7.88
C TRP F 36 -5.91 19.86 -6.96
N MET F 37 -6.77 18.97 -7.44
CA MET F 37 -7.86 18.48 -6.60
C MET F 37 -7.47 17.69 -5.37
N LEU F 38 -6.41 16.89 -5.45
CA LEU F 38 -6.02 16.11 -4.30
C LEU F 38 -5.66 17.10 -3.22
N THR F 39 -4.94 18.15 -3.58
CA THR F 39 -4.52 19.11 -2.59
C THR F 39 -5.77 19.77 -1.96
N ILE F 40 -6.82 20.00 -2.72
CA ILE F 40 -7.96 20.57 -2.07
C ILE F 40 -8.67 19.58 -1.20
N LYS F 41 -8.90 18.37 -1.70
CA LYS F 41 -9.60 17.34 -0.92
C LYS F 41 -8.86 17.01 0.37
N ALA F 42 -7.53 17.01 0.35
CA ALA F 42 -6.80 16.72 1.54
C ALA F 42 -7.10 17.75 2.61
N VAL F 43 -7.27 19.02 2.20
CA VAL F 43 -7.55 20.04 3.21
C VAL F 43 -8.97 19.76 3.68
N VAL F 44 -9.88 19.50 2.76
CA VAL F 44 -11.24 19.28 3.16
C VAL F 44 -11.27 18.09 4.10
N GLN F 45 -10.71 16.97 3.67
CA GLN F 45 -10.65 15.75 4.47
C GLN F 45 -10.04 15.98 5.85
N SER F 46 -8.89 16.64 5.93
CA SER F 46 -8.23 16.90 7.21
C SER F 46 -9.13 17.58 8.24
N ALA F 47 -10.15 18.32 7.81
CA ALA F 47 -11.03 18.96 8.80
C ALA F 47 -11.67 17.89 9.70
N LYS F 48 -11.71 16.64 9.26
CA LYS F 48 -12.31 15.59 10.07
C LYS F 48 -11.51 15.27 11.33
N HIS F 49 -10.34 15.90 11.51
CA HIS F 49 -9.49 15.64 12.69
C HIS F 49 -8.62 16.78 13.21
N TRP F 50 -9.03 18.01 12.96
CA TRP F 50 -8.38 19.20 13.49
C TRP F 50 -9.24 20.35 13.10
N ASN F 51 -9.13 21.44 13.83
CA ASN F 51 -9.98 22.59 13.55
C ASN F 51 -9.30 23.53 12.60
N LEU F 52 -9.86 23.64 11.39
CA LEU F 52 -9.27 24.50 10.38
C LEU F 52 -9.32 25.95 10.75
N ALA F 53 -10.41 26.34 11.40
CA ALA F 53 -10.64 27.73 11.85
C ALA F 53 -9.46 28.23 12.64
N GLU F 54 -8.95 27.36 13.50
CA GLU F 54 -7.83 27.67 14.35
C GLU F 54 -6.50 27.59 13.66
N CYS F 55 -6.49 27.32 12.37
CA CYS F 55 -5.19 27.19 11.74
C CYS F 55 -4.76 28.41 10.97
N THR F 56 -3.45 28.62 10.92
CA THR F 56 -2.89 29.69 10.14
C THR F 56 -2.56 29.06 8.75
N PHE F 57 -1.80 29.75 7.91
CA PHE F 57 -1.52 29.27 6.56
C PHE F 57 -0.34 30.09 6.06
N GLU F 58 0.73 29.43 5.59
CA GLU F 58 1.92 30.12 5.06
C GLU F 58 2.23 29.62 3.64
N ALA F 59 2.87 30.45 2.82
CA ALA F 59 3.16 30.08 1.42
C ALA F 59 4.60 30.17 1.04
N SER F 60 5.16 29.09 0.52
CA SER F 60 6.56 29.08 0.08
C SER F 60 6.57 29.18 -1.43
N GLY F 61 7.73 29.00 -2.04
CA GLY F 61 7.79 29.08 -3.50
C GLY F 61 7.45 27.75 -4.16
N GLU F 62 7.32 26.71 -3.34
CA GLU F 62 7.01 25.40 -3.87
C GLU F 62 5.62 24.94 -3.42
N GLY F 63 5.06 25.58 -2.41
CA GLY F 63 3.74 25.21 -1.94
C GLY F 63 3.19 25.95 -0.72
N VAL F 64 2.27 25.31 -0.04
CA VAL F 64 1.65 25.92 1.12
C VAL F 64 1.68 25.04 2.34
N ILE F 65 1.86 25.66 3.48
CA ILE F 65 1.83 24.91 4.70
C ILE F 65 0.69 25.45 5.54
N ILE F 66 -0.13 24.53 6.02
CA ILE F 66 -1.24 24.85 6.87
C ILE F 66 -0.82 24.32 8.23
N LYS F 67 -1.00 25.15 9.27
CA LYS F 67 -0.57 24.83 10.65
C LYS F 67 -1.49 25.28 11.79
N LYS F 68 -1.29 24.75 13.00
CA LYS F 68 -2.11 25.11 14.16
C LYS F 68 -1.49 26.14 15.16
#